data_7F9P
#
_entry.id   7F9P
#
_cell.length_a   151.130
_cell.length_b   75.495
_cell.length_c   110.166
_cell.angle_alpha   90.000
_cell.angle_beta   152.240
_cell.angle_gamma   90.000
#
_symmetry.space_group_name_H-M   'C 1 2 1'
#
loop_
_entity.id
_entity.type
_entity.pdbx_description
1 polymer 'Prolyl-tRNA synthetase (ProRS)'
2 non-polymer ~{N}-[4-[(3~{S})-3-cyano-3-cyclopropyl-2-oxidanylidene-pyrrolidin-1-yl]-6-methyl-pyridin-2-yl]-2-phenyl-ethanamide
3 non-polymer '(2S)-azetidine-2-carboxylic acid'
4 non-polymer '2-(N-MORPHOLINO)-ETHANESULFONIC ACID'
5 non-polymer 1,2-ETHANEDIOL
6 water water
#
_entity_poly.entity_id   1
_entity_poly.type   'polypeptide(L)'
_entity_poly.pdbx_seq_one_letter_code
;GAMVTAKKDENFSEWYTQAIVRSEMIEYYDISGCYIMRPWAFHIWEKVQRFFDDEIKKMGVENSYFPMFVSRHKLEKEKD
HVEGFSPEVAWVTHYGDSPLPEKIAIRPTSETIMYPAYAKWIRSHRDLPLKLNQWCSVVRWEFKQPTPFLRTREFLWQEG
HTAHATEEEAWELVLDILELYRRWYEECLAVPVIKGEKSEGEKFAGGKKTTTVEAFIPENGRGIQAATSHLLGTNFAKMF
EIEFEDEEGHKRLVHQTSWGCTTRSLGVMIMTHGDDKGLVIPPRVASVQVVIIPILFKDENTGEILGKCRELKTMLEKAD
IRVRIDDRSNYTPGWKYNHWEVKGVPLRLELGPKDLAKGTARVVRRDTGEAYQISWADLAPKLLELMEGIQRSLFEKAKA
RLHEGIEKISTFDEVMPALNRKHLVLAPWCEDPESEEQIKKETQKLSEIQAIEAGDSEQVMTGAMKTLCIPFDQPPMPEG
TKCFYTGKPAKRWTLWGRSY
;
_entity_poly.pdbx_strand_id   A
#
# COMPACT_ATOMS: atom_id res chain seq x y z
N MET A 3 -12.87 -0.46 22.67
CA MET A 3 -13.09 -1.78 22.06
C MET A 3 -13.71 -1.71 20.66
N VAL A 4 -13.17 -2.52 19.75
CA VAL A 4 -13.80 -2.76 18.46
C VAL A 4 -14.94 -3.75 18.65
N THR A 5 -16.13 -3.43 18.10
CA THR A 5 -17.31 -4.27 18.30
C THR A 5 -18.00 -4.73 17.03
N ALA A 6 -17.80 -4.09 15.89
CA ALA A 6 -18.20 -4.70 14.63
C ALA A 6 -17.26 -5.85 14.32
N LYS A 7 -17.81 -6.94 13.77
CA LYS A 7 -16.99 -8.10 13.40
C LYS A 7 -16.49 -7.94 11.97
N LYS A 8 -15.19 -8.21 11.78
CA LYS A 8 -14.55 -8.02 10.49
C LYS A 8 -15.27 -8.80 9.39
N ASP A 9 -15.79 -9.98 9.71
CA ASP A 9 -16.42 -10.85 8.72
C ASP A 9 -17.94 -10.67 8.66
N GLU A 10 -18.49 -9.64 9.31
CA GLU A 10 -19.93 -9.41 9.28
C GLU A 10 -20.31 -8.05 8.72
N ASN A 11 -19.72 -6.97 9.23
CA ASN A 11 -19.92 -5.63 8.64
C ASN A 11 -18.52 -5.07 8.49
N PHE A 12 -17.93 -5.35 7.33
CA PHE A 12 -16.53 -5.01 7.10
C PHE A 12 -16.32 -3.50 7.10
N SER A 13 -17.25 -2.75 6.52
CA SER A 13 -17.11 -1.30 6.45
C SER A 13 -17.07 -0.69 7.86
N GLU A 14 -18.02 -1.10 8.69
CA GLU A 14 -18.04 -0.60 10.07
C GLU A 14 -16.82 -1.08 10.85
N TRP A 15 -16.39 -2.32 10.62
CA TRP A 15 -15.19 -2.82 11.28
C TRP A 15 -14.00 -1.93 10.94
N TYR A 16 -13.84 -1.61 9.66
CA TYR A 16 -12.69 -0.81 9.24
C TYR A 16 -12.72 0.57 9.87
N THR A 17 -13.88 1.22 9.82
CA THR A 17 -14.03 2.54 10.45
C THR A 17 -13.69 2.48 11.93
N GLN A 18 -14.26 1.52 12.67
CA GLN A 18 -13.94 1.40 14.08
C GLN A 18 -12.46 1.14 14.30
N ALA A 19 -11.84 0.29 13.48
CA ALA A 19 -10.44 -0.04 13.70
C ALA A 19 -9.55 1.18 13.54
N ILE A 20 -9.79 2.00 12.51
CA ILE A 20 -8.89 3.13 12.28
C ILE A 20 -9.22 4.33 13.16
N VAL A 21 -10.46 4.45 13.65
CA VAL A 21 -10.81 5.56 14.53
C VAL A 21 -10.42 5.25 15.98
N ARG A 22 -10.77 4.04 16.45
CA ARG A 22 -10.53 3.71 17.86
C ARG A 22 -9.06 3.51 18.17
N SER A 23 -8.24 3.16 17.17
CA SER A 23 -6.79 3.12 17.32
C SER A 23 -6.13 4.48 17.21
N GLU A 24 -6.90 5.53 16.95
CA GLU A 24 -6.40 6.90 16.82
C GLU A 24 -5.48 7.04 15.60
N MET A 25 -5.80 6.31 14.53
CA MET A 25 -5.02 6.54 13.32
C MET A 25 -5.54 7.68 12.48
N ILE A 26 -6.86 7.82 12.38
CA ILE A 26 -7.47 8.83 11.52
C ILE A 26 -8.44 9.71 12.31
N GLU A 27 -8.63 10.92 11.80
CA GLU A 27 -9.71 11.80 12.22
C GLU A 27 -10.43 12.32 10.98
N TYR A 28 -11.74 12.49 11.11
CA TYR A 28 -12.52 13.01 10.00
C TYR A 28 -12.33 14.51 9.87
N TYR A 29 -12.92 15.05 8.81
CA TYR A 29 -12.65 16.41 8.38
C TYR A 29 -13.87 16.90 7.61
N ASP A 30 -14.08 18.21 7.62
CA ASP A 30 -15.30 18.78 7.04
C ASP A 30 -15.20 19.01 5.54
N ILE A 31 -14.15 18.49 4.90
CA ILE A 31 -14.06 18.47 3.44
C ILE A 31 -14.03 17.01 3.01
N SER A 32 -15.04 16.59 2.26
CA SER A 32 -15.22 15.17 1.97
C SER A 32 -14.02 14.62 1.20
N GLY A 33 -13.66 13.37 1.50
CA GLY A 33 -12.55 12.73 0.85
C GLY A 33 -11.18 13.08 1.40
N CYS A 34 -11.11 13.93 2.41
CA CYS A 34 -9.85 14.27 3.09
C CYS A 34 -9.93 13.81 4.53
N TYR A 35 -8.85 13.20 5.02
CA TYR A 35 -8.78 12.68 6.37
C TYR A 35 -7.47 13.08 7.04
N ILE A 36 -7.55 13.35 8.33
CA ILE A 36 -6.36 13.66 9.12
C ILE A 36 -5.63 12.37 9.44
N MET A 37 -4.32 12.34 9.22
CA MET A 37 -3.49 11.21 9.62
C MET A 37 -2.83 11.54 10.96
N ARG A 38 -3.28 10.88 12.03
CA ARG A 38 -2.75 11.06 13.36
C ARG A 38 -1.45 10.29 13.52
N PRO A 39 -0.65 10.61 14.56
CA PRO A 39 0.68 9.98 14.69
C PRO A 39 0.69 8.46 14.64
N TRP A 40 -0.32 7.79 15.21
CA TRP A 40 -0.27 6.34 15.22
C TRP A 40 -0.18 5.77 13.81
N ALA A 41 -0.84 6.42 12.84
CA ALA A 41 -0.71 6.02 11.44
C ALA A 41 0.53 6.63 10.79
N PHE A 42 0.79 7.89 11.12
CA PHE A 42 1.86 8.61 10.42
C PHE A 42 3.21 7.99 10.69
N HIS A 43 3.40 7.39 11.84
CA HIS A 43 4.66 6.75 12.13
C HIS A 43 4.93 5.58 11.19
N ILE A 44 3.90 4.85 10.83
CA ILE A 44 4.07 3.74 9.90
C ILE A 44 4.42 4.28 8.52
N TRP A 45 3.77 5.37 8.10
CA TRP A 45 4.19 6.03 6.87
C TRP A 45 5.66 6.44 6.91
N GLU A 46 6.11 7.01 8.03
CA GLU A 46 7.52 7.39 8.15
C GLU A 46 8.43 6.18 7.97
N LYS A 47 8.03 5.03 8.51
CA LYS A 47 8.86 3.82 8.40
C LYS A 47 8.99 3.34 6.96
N VAL A 48 7.85 3.27 6.24
CA VAL A 48 7.96 2.78 4.86
C VAL A 48 8.61 3.83 3.97
N GLN A 49 8.41 5.11 4.29
CA GLN A 49 9.09 6.17 3.56
C GLN A 49 10.60 6.05 3.69
N ARG A 50 11.10 5.79 4.91
CA ARG A 50 12.53 5.64 5.11
C ARG A 50 13.08 4.44 4.37
N PHE A 51 12.36 3.31 4.42
CA PHE A 51 12.75 2.13 3.65
C PHE A 51 12.90 2.44 2.17
N PHE A 52 11.82 2.96 1.57
CA PHE A 52 11.85 3.20 0.13
C PHE A 52 12.88 4.25 -0.25
N ASP A 53 12.99 5.31 0.56
CA ASP A 53 13.96 6.36 0.27
C ASP A 53 15.39 5.82 0.29
N ASP A 54 15.72 5.03 1.31
CA ASP A 54 17.05 4.41 1.36
C ASP A 54 17.31 3.54 0.13
N GLU A 55 16.29 2.77 -0.30
CA GLU A 55 16.50 1.90 -1.44
C GLU A 55 16.68 2.68 -2.74
N ILE A 56 15.89 3.74 -2.96
CA ILE A 56 16.08 4.41 -4.24
C ILE A 56 17.34 5.26 -4.22
N LYS A 57 17.77 5.74 -3.04
CA LYS A 57 19.05 6.43 -2.97
C LYS A 57 20.19 5.54 -3.44
N LYS A 58 20.14 4.25 -3.07
CA LYS A 58 21.14 3.31 -3.58
C LYS A 58 21.13 3.17 -5.10
N MET A 59 19.99 3.45 -5.74
CA MET A 59 19.90 3.43 -7.20
C MET A 59 20.36 4.73 -7.85
N GLY A 60 20.82 5.71 -7.07
CA GLY A 60 21.17 6.99 -7.66
C GLY A 60 20.01 7.94 -7.85
N VAL A 61 18.84 7.64 -7.30
CA VAL A 61 17.72 8.56 -7.34
C VAL A 61 17.95 9.62 -6.26
N GLU A 62 17.66 10.87 -6.59
CA GLU A 62 17.80 11.97 -5.63
C GLU A 62 16.48 12.68 -5.44
N ASN A 63 16.22 13.14 -4.22
CA ASN A 63 14.97 13.84 -3.98
C ASN A 63 15.06 15.30 -4.42
N SER A 64 13.87 15.88 -4.61
CA SER A 64 13.70 17.20 -5.18
C SER A 64 12.35 17.72 -4.70
N TYR A 65 12.01 18.94 -5.09
CA TYR A 65 10.65 19.41 -4.83
C TYR A 65 10.22 20.36 -5.94
N PHE A 66 9.15 19.98 -6.63
CA PHE A 66 8.54 20.74 -7.70
C PHE A 66 7.24 21.36 -7.21
N PRO A 67 6.78 22.43 -7.85
CA PRO A 67 5.60 23.16 -7.34
C PRO A 67 4.32 22.33 -7.41
N MET A 68 3.39 22.66 -6.50
CA MET A 68 2.11 21.99 -6.43
C MET A 68 1.13 22.49 -7.50
N PHE A 69 1.48 23.58 -8.19
CA PHE A 69 0.61 24.19 -9.19
C PHE A 69 1.16 23.93 -10.59
N VAL A 70 0.24 23.74 -11.54
CA VAL A 70 0.57 23.58 -12.95
C VAL A 70 -0.36 24.49 -13.76
N SER A 71 0.21 25.16 -14.76
CA SER A 71 -0.58 26.05 -15.61
C SER A 71 -1.51 25.23 -16.52
N ARG A 72 -2.62 25.87 -16.93
CA ARG A 72 -3.64 25.15 -17.69
C ARG A 72 -3.07 24.60 -18.99
N HIS A 73 -2.34 25.43 -19.73
CA HIS A 73 -1.82 24.99 -21.02
C HIS A 73 -0.75 23.92 -20.87
N LYS A 74 0.01 23.93 -19.76
CA LYS A 74 1.01 22.90 -19.55
C LYS A 74 0.35 21.59 -19.13
N LEU A 75 -0.67 21.67 -18.27
CA LEU A 75 -1.39 20.47 -17.89
C LEU A 75 -2.13 19.87 -19.06
N GLU A 76 -2.87 20.70 -19.79
CA GLU A 76 -3.66 20.24 -20.93
C GLU A 76 -2.88 20.29 -22.23
N LYS A 77 -1.56 20.23 -22.16
CA LYS A 77 -0.67 20.20 -23.31
C LYS A 77 -1.05 19.11 -24.31
N GLU A 88 -10.95 15.62 -13.20
CA GLU A 88 -10.79 15.42 -11.77
C GLU A 88 -9.60 16.21 -11.24
N VAL A 89 -9.48 17.44 -11.72
CA VAL A 89 -8.40 18.35 -11.33
C VAL A 89 -9.01 19.51 -10.55
N ALA A 90 -8.40 19.87 -9.42
CA ALA A 90 -8.83 21.03 -8.65
C ALA A 90 -8.18 22.29 -9.19
N TRP A 91 -9.00 23.30 -9.51
CA TRP A 91 -8.52 24.51 -10.16
C TRP A 91 -8.55 25.69 -9.18
N VAL A 92 -7.42 26.39 -9.06
CA VAL A 92 -7.36 27.65 -8.34
C VAL A 92 -7.73 28.76 -9.31
N THR A 93 -8.68 29.59 -8.92
CA THR A 93 -9.15 30.68 -9.76
C THR A 93 -9.04 32.06 -9.10
N HIS A 94 -8.83 32.14 -7.79
CA HIS A 94 -8.78 33.43 -7.11
C HIS A 94 -7.75 33.41 -6.00
N TYR A 95 -7.13 34.58 -5.77
CA TYR A 95 -6.35 34.85 -4.57
C TYR A 95 -7.08 35.96 -3.82
N GLY A 96 -7.58 35.66 -2.64
CA GLY A 96 -8.56 36.55 -2.04
C GLY A 96 -9.78 36.62 -2.93
N ASP A 97 -10.08 37.83 -3.43
CA ASP A 97 -11.17 38.02 -4.36
C ASP A 97 -10.68 38.37 -5.76
N SER A 98 -9.38 38.43 -5.98
CA SER A 98 -8.87 38.79 -7.29
C SER A 98 -8.81 37.56 -8.18
N PRO A 99 -9.51 37.53 -9.31
CA PRO A 99 -9.40 36.39 -10.22
C PRO A 99 -8.03 36.37 -10.88
N LEU A 100 -7.54 35.15 -11.15
CA LEU A 100 -6.31 35.07 -11.93
C LEU A 100 -6.64 35.12 -13.41
N PRO A 101 -5.72 35.64 -14.25
CA PRO A 101 -5.99 35.67 -15.69
C PRO A 101 -6.01 34.30 -16.32
N GLU A 102 -5.15 33.39 -15.87
CA GLU A 102 -5.19 31.99 -16.25
C GLU A 102 -5.35 31.17 -14.98
N LYS A 103 -6.33 30.27 -14.98
CA LYS A 103 -6.51 29.39 -13.84
C LYS A 103 -5.34 28.42 -13.75
N ILE A 104 -5.01 28.00 -12.54
CA ILE A 104 -3.92 27.08 -12.32
C ILE A 104 -4.46 25.89 -11.54
N ALA A 105 -3.91 24.71 -11.81
CA ALA A 105 -4.39 23.46 -11.27
C ALA A 105 -3.47 22.95 -10.16
N ILE A 106 -4.05 22.26 -9.19
CA ILE A 106 -3.25 21.52 -8.22
C ILE A 106 -2.86 20.19 -8.85
N ARG A 107 -1.59 19.81 -8.67
CA ARG A 107 -1.04 18.60 -9.30
C ARG A 107 -1.87 17.37 -8.95
N PRO A 108 -2.29 16.58 -9.95
CA PRO A 108 -2.75 15.20 -9.70
C PRO A 108 -1.61 14.20 -9.81
N THR A 109 -0.52 14.66 -10.41
CA THR A 109 0.72 13.96 -10.74
C THR A 109 1.58 15.02 -11.43
N SER A 110 2.89 14.77 -11.52
CA SER A 110 3.77 15.90 -11.85
C SER A 110 4.55 15.76 -13.16
N GLU A 111 4.14 14.87 -14.06
CA GLU A 111 4.85 14.78 -15.34
C GLU A 111 4.90 16.13 -16.05
N THR A 112 3.76 16.82 -16.13
CA THR A 112 3.72 18.07 -16.90
C THR A 112 4.42 19.21 -16.16
N ILE A 113 4.65 19.05 -14.85
CA ILE A 113 5.37 20.04 -14.05
C ILE A 113 6.87 19.84 -14.19
N MET A 114 7.32 18.59 -14.22
CA MET A 114 8.74 18.27 -14.22
C MET A 114 9.37 18.23 -15.60
N TYR A 115 8.63 17.78 -16.61
CA TYR A 115 9.33 17.43 -17.85
C TYR A 115 9.77 18.62 -18.71
N PRO A 116 9.13 19.80 -18.66
CA PRO A 116 9.79 20.96 -19.30
C PRO A 116 11.17 21.22 -18.74
N ALA A 117 11.31 21.05 -17.42
CA ALA A 117 12.62 21.19 -16.79
C ALA A 117 13.57 20.10 -17.28
N TYR A 118 13.07 18.86 -17.40
CA TYR A 118 13.89 17.78 -17.95
C TYR A 118 14.41 18.13 -19.34
N ALA A 119 13.54 18.69 -20.18
CA ALA A 119 13.96 19.10 -21.52
C ALA A 119 15.04 20.14 -21.46
N LYS A 120 14.98 21.03 -20.46
CA LYS A 120 16.05 22.03 -20.33
C LYS A 120 17.35 21.40 -19.83
N TRP A 121 17.27 20.48 -18.86
CA TRP A 121 18.44 19.95 -18.16
C TRP A 121 19.21 18.94 -18.99
N ILE A 122 18.53 18.16 -19.82
CA ILE A 122 19.15 17.06 -20.55
C ILE A 122 19.64 17.59 -21.90
N ARG A 123 20.92 17.48 -22.13
CA ARG A 123 21.50 17.88 -23.41
C ARG A 123 22.32 16.77 -24.05
N SER A 124 23.14 16.09 -23.27
CA SER A 124 24.08 15.08 -23.75
C SER A 124 23.75 13.73 -23.13
N HIS A 125 24.18 12.65 -23.78
CA HIS A 125 24.14 11.34 -23.16
C HIS A 125 24.86 11.32 -21.82
N ARG A 126 25.84 12.21 -21.63
CA ARG A 126 26.54 12.27 -20.35
C ARG A 126 25.64 12.76 -19.22
N ASP A 127 24.50 13.37 -19.54
CA ASP A 127 23.51 13.83 -18.55
C ASP A 127 22.56 12.73 -18.13
N LEU A 128 22.67 11.55 -18.71
CA LEU A 128 21.76 10.44 -18.48
C LEU A 128 22.49 9.29 -17.80
N PRO A 129 21.79 8.51 -16.95
CA PRO A 129 20.38 8.70 -16.62
C PRO A 129 20.11 9.84 -15.65
N LEU A 130 18.94 10.46 -15.77
CA LEU A 130 18.47 11.45 -14.81
C LEU A 130 17.43 10.79 -13.95
N LYS A 131 17.61 10.82 -12.63
CA LYS A 131 16.72 10.09 -11.72
C LYS A 131 16.30 11.00 -10.56
N LEU A 132 15.02 11.37 -10.53
CA LEU A 132 14.53 12.25 -9.47
C LEU A 132 13.29 11.63 -8.83
N ASN A 133 13.06 12.02 -7.58
CA ASN A 133 11.90 11.57 -6.82
C ASN A 133 11.45 12.75 -5.99
N GLN A 134 10.17 12.76 -5.62
CA GLN A 134 9.75 13.70 -4.59
C GLN A 134 8.67 13.05 -3.76
N TRP A 135 8.66 13.43 -2.48
CA TRP A 135 7.65 13.07 -1.51
C TRP A 135 6.74 14.28 -1.36
N CYS A 136 5.45 14.10 -1.61
CA CYS A 136 4.54 15.25 -1.55
C CYS A 136 3.12 14.73 -1.42
N SER A 137 2.13 15.61 -1.58
CA SER A 137 0.77 15.12 -1.72
C SER A 137 0.26 15.56 -3.09
N VAL A 138 -0.72 14.81 -3.60
CA VAL A 138 -1.41 15.19 -4.83
C VAL A 138 -2.92 15.14 -4.58
N VAL A 139 -3.65 15.74 -5.52
CA VAL A 139 -5.10 15.88 -5.41
C VAL A 139 -5.73 15.29 -6.66
N ARG A 140 -6.64 14.34 -6.46
CA ARG A 140 -7.44 13.78 -7.54
C ARG A 140 -8.88 13.89 -7.08
N TRP A 141 -9.63 14.81 -7.68
CA TRP A 141 -10.89 15.27 -7.11
C TRP A 141 -12.04 14.53 -7.78
N GLU A 142 -12.30 13.34 -7.28
CA GLU A 142 -13.38 12.50 -7.81
C GLU A 142 -14.56 12.51 -6.85
N PHE A 143 -15.74 12.29 -7.41
CA PHE A 143 -16.99 12.34 -6.66
C PHE A 143 -17.47 10.99 -6.18
N LYS A 144 -16.79 9.91 -6.54
CA LYS A 144 -17.15 8.58 -6.02
C LYS A 144 -16.91 8.52 -4.52
N GLN A 145 -17.43 7.47 -3.90
CA GLN A 145 -17.33 7.31 -2.46
C GLN A 145 -15.86 7.21 -2.06
N PRO A 146 -15.36 8.09 -1.20
CA PRO A 146 -13.98 7.94 -0.72
C PRO A 146 -13.91 6.96 0.44
N THR A 147 -12.71 6.42 0.62
CA THR A 147 -12.41 5.46 1.67
C THR A 147 -11.12 5.90 2.36
N PRO A 148 -11.13 6.06 3.68
CA PRO A 148 -9.89 6.40 4.40
C PRO A 148 -8.73 5.48 4.02
N PHE A 149 -7.57 6.10 3.77
CA PHE A 149 -6.33 5.50 3.28
C PHE A 149 -6.45 5.02 1.82
N LEU A 150 -7.51 4.31 1.47
CA LEU A 150 -7.51 3.57 0.21
C LEU A 150 -7.77 4.46 -1.00
N ARG A 151 -8.69 5.40 -0.89
CA ARG A 151 -9.14 6.18 -2.04
C ARG A 151 -9.60 7.54 -1.54
N THR A 152 -8.72 8.53 -1.62
CA THR A 152 -8.96 9.82 -0.99
C THR A 152 -8.76 10.92 -2.03
N ARG A 153 -9.27 12.11 -1.72
CA ARG A 153 -9.14 13.23 -2.66
C ARG A 153 -7.74 13.82 -2.62
N GLU A 154 -7.17 13.98 -1.44
CA GLU A 154 -5.75 14.32 -1.30
C GLU A 154 -5.05 13.12 -0.69
N PHE A 155 -3.88 12.78 -1.22
CA PHE A 155 -3.12 11.71 -0.60
C PHE A 155 -1.62 11.98 -0.69
N LEU A 156 -0.92 11.51 0.34
CA LEU A 156 0.54 11.55 0.37
C LEU A 156 1.10 10.45 -0.53
N TRP A 157 2.22 10.75 -1.20
CA TRP A 157 2.86 9.73 -2.02
C TRP A 157 4.32 10.09 -2.22
N GLN A 158 5.00 9.20 -2.90
CA GLN A 158 6.22 9.59 -3.58
C GLN A 158 5.96 9.36 -5.11
N GLU A 159 6.52 10.21 -5.94
CA GLU A 159 6.56 9.96 -7.38
C GLU A 159 8.00 10.09 -7.85
N GLY A 160 8.47 9.05 -8.55
CA GLY A 160 9.80 9.05 -9.14
C GLY A 160 9.68 9.15 -10.65
N HIS A 161 10.66 9.83 -11.25
CA HIS A 161 10.67 10.17 -12.68
C HIS A 161 12.10 10.05 -13.20
N THR A 162 12.31 9.11 -14.13
CA THR A 162 13.67 8.94 -14.66
C THR A 162 13.69 9.02 -16.19
N ALA A 163 14.88 9.33 -16.70
CA ALA A 163 15.12 9.43 -18.13
C ALA A 163 16.44 8.74 -18.46
N HIS A 164 16.46 8.02 -19.59
CA HIS A 164 17.56 7.13 -19.96
C HIS A 164 17.85 7.24 -21.45
N ALA A 165 19.07 6.82 -21.81
CA ALA A 165 19.48 6.84 -23.22
C ALA A 165 18.85 5.70 -24.03
N THR A 166 18.40 4.62 -23.37
CA THR A 166 17.83 3.49 -24.08
C THR A 166 16.54 3.02 -23.42
N GLU A 167 15.68 2.43 -24.24
CA GLU A 167 14.45 1.82 -23.74
C GLU A 167 14.76 0.69 -22.77
N GLU A 168 15.81 -0.08 -23.03
CA GLU A 168 16.08 -1.26 -22.19
C GLU A 168 16.51 -0.85 -20.79
N GLU A 169 17.32 0.20 -20.67
CA GLU A 169 17.72 0.67 -19.35
C GLU A 169 16.52 1.22 -18.59
N ALA A 170 15.64 1.95 -19.27
CA ALA A 170 14.43 2.46 -18.63
C ALA A 170 13.55 1.30 -18.14
N TRP A 171 13.38 0.28 -18.98
CA TRP A 171 12.55 -0.86 -18.59
C TRP A 171 13.15 -1.60 -17.40
N GLU A 172 14.48 -1.76 -17.40
CA GLU A 172 15.13 -2.37 -16.25
C GLU A 172 14.84 -1.60 -14.98
N LEU A 173 14.81 -0.27 -15.07
CA LEU A 173 14.50 0.52 -13.88
C LEU A 173 13.03 0.36 -13.48
N VAL A 174 12.12 0.35 -14.47
CA VAL A 174 10.71 0.10 -14.17
C VAL A 174 10.57 -1.13 -13.30
N LEU A 175 11.25 -2.22 -13.71
CA LEU A 175 11.12 -3.48 -12.98
C LEU A 175 11.84 -3.44 -11.65
N ASP A 176 12.97 -2.74 -11.57
CA ASP A 176 13.65 -2.58 -10.28
C ASP A 176 12.76 -1.87 -9.27
N ILE A 177 12.08 -0.81 -9.71
CA ILE A 177 11.17 -0.09 -8.82
C ILE A 177 10.00 -0.98 -8.44
N LEU A 178 9.42 -1.69 -9.42
CA LEU A 178 8.30 -2.58 -9.08
C LEU A 178 8.70 -3.59 -8.03
N GLU A 179 9.93 -4.08 -8.10
CA GLU A 179 10.44 -4.99 -7.07
C GLU A 179 10.56 -4.29 -5.72
N LEU A 180 10.97 -3.01 -5.71
CA LEU A 180 10.95 -2.25 -4.45
C LEU A 180 9.54 -2.14 -3.91
N TYR A 181 8.53 -1.95 -4.77
CA TYR A 181 7.15 -1.90 -4.28
C TYR A 181 6.71 -3.25 -3.74
N ARG A 182 7.13 -4.34 -4.38
CA ARG A 182 6.87 -5.65 -3.81
C ARG A 182 7.45 -5.74 -2.41
N ARG A 183 8.68 -5.24 -2.22
CA ARG A 183 9.30 -5.31 -0.91
C ARG A 183 8.59 -4.41 0.10
N TRP A 184 8.18 -3.22 -0.32
CA TRP A 184 7.38 -2.33 0.53
C TRP A 184 6.17 -3.07 1.07
N TYR A 185 5.41 -3.74 0.19
CA TYR A 185 4.20 -4.39 0.68
C TYR A 185 4.51 -5.70 1.41
N GLU A 186 5.31 -6.59 0.80
CA GLU A 186 5.46 -7.94 1.34
C GLU A 186 6.47 -8.00 2.49
N GLU A 187 7.59 -7.29 2.35
CA GLU A 187 8.63 -7.39 3.36
CA GLU A 187 8.68 -7.34 3.33
C GLU A 187 8.42 -6.40 4.51
N CYS A 188 7.93 -5.18 4.25
CA CYS A 188 7.62 -4.30 5.38
C CYS A 188 6.22 -4.53 5.94
N LEU A 189 5.21 -4.57 5.08
CA LEU A 189 3.82 -4.56 5.52
C LEU A 189 3.21 -5.95 5.59
N ALA A 190 3.96 -6.98 5.16
CA ALA A 190 3.54 -8.38 5.19
C ALA A 190 2.25 -8.59 4.39
N VAL A 191 2.09 -7.84 3.31
CA VAL A 191 0.94 -7.91 2.41
C VAL A 191 1.40 -8.56 1.11
N PRO A 192 0.84 -9.70 0.72
CA PRO A 192 1.22 -10.32 -0.55
C PRO A 192 0.64 -9.54 -1.72
N VAL A 193 1.44 -9.39 -2.78
CA VAL A 193 0.99 -8.68 -3.97
C VAL A 193 1.36 -9.51 -5.20
N ILE A 194 0.69 -9.19 -6.30
CA ILE A 194 0.90 -9.87 -7.58
C ILE A 194 1.46 -8.85 -8.56
N LYS A 195 2.66 -9.11 -9.10
CA LYS A 195 3.23 -8.27 -10.15
C LYS A 195 2.56 -8.57 -11.49
N GLY A 196 2.26 -7.52 -12.24
CA GLY A 196 1.69 -7.73 -13.56
C GLY A 196 1.78 -6.50 -14.42
N GLU A 197 1.27 -6.65 -15.64
CA GLU A 197 1.16 -5.57 -16.61
C GLU A 197 -0.30 -5.14 -16.69
N LYS A 198 -0.55 -3.83 -16.69
CA LYS A 198 -1.90 -3.33 -16.88
C LYS A 198 -2.35 -3.56 -18.32
N SER A 199 -3.66 -3.75 -18.49
CA SER A 199 -4.26 -3.81 -19.82
C SER A 199 -4.07 -2.48 -20.54
N GLU A 200 -4.27 -2.52 -21.87
CA GLU A 200 -4.17 -1.29 -22.67
C GLU A 200 -5.14 -0.23 -22.15
N GLY A 201 -6.36 -0.64 -21.81
CA GLY A 201 -7.34 0.31 -21.28
C GLY A 201 -6.99 0.83 -19.90
N GLU A 202 -6.21 0.10 -19.12
CA GLU A 202 -5.91 0.53 -17.76
C GLU A 202 -4.53 1.17 -17.61
N LYS A 203 -3.74 1.23 -18.67
CA LYS A 203 -2.39 1.75 -18.48
C LYS A 203 -2.39 3.27 -18.42
N PHE A 204 -1.30 3.82 -17.89
CA PHE A 204 -1.15 5.26 -17.72
C PHE A 204 -1.36 6.00 -19.03
N ALA A 205 -2.17 7.06 -18.98
CA ALA A 205 -2.43 7.84 -20.18
C ALA A 205 -1.15 8.43 -20.73
N GLY A 206 -0.84 8.12 -21.98
CA GLY A 206 0.36 8.59 -22.63
C GLY A 206 1.54 7.65 -22.54
N GLY A 207 1.49 6.68 -21.62
CA GLY A 207 2.62 5.79 -21.43
C GLY A 207 2.68 4.68 -22.45
N LYS A 208 3.76 3.92 -22.40
CA LYS A 208 3.96 2.78 -23.29
C LYS A 208 3.51 1.48 -22.65
N LYS A 209 3.95 1.20 -21.42
CA LYS A 209 3.53 0.00 -20.71
C LYS A 209 3.53 0.31 -19.22
N THR A 210 2.43 -0.04 -18.55
CA THR A 210 2.31 0.15 -17.12
C THR A 210 2.42 -1.19 -16.42
N THR A 211 3.32 -1.28 -15.45
CA THR A 211 3.38 -2.43 -14.56
C THR A 211 2.79 -2.07 -13.20
N THR A 212 2.42 -3.11 -12.46
CA THR A 212 1.65 -2.88 -11.25
C THR A 212 1.92 -4.02 -10.28
N VAL A 213 1.67 -3.73 -9.00
CA VAL A 213 1.49 -4.78 -8.00
C VAL A 213 0.06 -4.64 -7.49
N GLU A 214 -0.66 -5.75 -7.48
CA GLU A 214 -2.06 -5.77 -7.12
C GLU A 214 -2.23 -6.53 -5.81
N ALA A 215 -3.10 -6.04 -4.94
CA ALA A 215 -3.47 -6.72 -3.70
C ALA A 215 -4.95 -7.06 -3.71
N PHE A 216 -5.38 -7.80 -2.68
CA PHE A 216 -6.73 -8.36 -2.63
C PHE A 216 -7.28 -8.16 -1.22
N ILE A 217 -8.53 -7.73 -1.13
CA ILE A 217 -9.27 -7.58 0.12
C ILE A 217 -10.33 -8.68 0.15
N PRO A 218 -10.09 -9.75 0.90
CA PRO A 218 -11.02 -10.89 0.88
C PRO A 218 -12.42 -10.57 1.36
N GLU A 219 -12.56 -9.65 2.33
CA GLU A 219 -13.87 -9.47 2.96
C GLU A 219 -14.87 -8.83 2.02
N ASN A 220 -14.43 -8.01 1.06
CA ASN A 220 -15.36 -7.52 0.06
C ASN A 220 -14.99 -8.00 -1.35
N GLY A 221 -14.01 -8.89 -1.46
CA GLY A 221 -13.68 -9.50 -2.74
C GLY A 221 -12.99 -8.59 -3.73
N ARG A 222 -12.44 -7.47 -3.30
CA ARG A 222 -11.99 -6.45 -4.26
C ARG A 222 -10.48 -6.51 -4.43
N GLY A 223 -10.02 -6.44 -5.69
CA GLY A 223 -8.65 -6.12 -5.94
C GLY A 223 -8.39 -4.64 -5.74
N ILE A 224 -7.13 -4.30 -5.51
CA ILE A 224 -6.74 -2.91 -5.41
C ILE A 224 -5.30 -2.77 -5.91
N GLN A 225 -5.06 -1.74 -6.70
CA GLN A 225 -3.71 -1.46 -7.15
C GLN A 225 -2.88 -0.95 -5.98
N ALA A 226 -1.80 -1.66 -5.65
CA ALA A 226 -0.97 -1.31 -4.51
C ALA A 226 0.06 -0.24 -4.84
N ALA A 227 0.64 -0.27 -6.05
CA ALA A 227 1.63 0.72 -6.49
C ALA A 227 1.75 0.56 -7.99
N THR A 228 2.47 1.48 -8.63
CA THR A 228 2.51 1.41 -10.09
C THR A 228 3.87 1.89 -10.60
N SER A 229 4.33 1.29 -11.69
CA SER A 229 5.62 1.68 -12.27
C SER A 229 5.48 1.66 -13.79
N HIS A 230 5.63 2.83 -14.42
CA HIS A 230 5.32 3.01 -15.84
C HIS A 230 6.57 3.10 -16.70
N LEU A 231 6.61 2.33 -17.76
CA LEU A 231 7.51 2.63 -18.88
C LEU A 231 6.80 3.67 -19.73
N LEU A 232 7.29 4.90 -19.69
CA LEU A 232 6.74 5.94 -20.56
C LEU A 232 7.35 5.86 -21.94
N GLY A 233 8.51 5.21 -22.08
CA GLY A 233 9.09 5.11 -23.42
C GLY A 233 9.53 6.49 -23.88
N THR A 234 9.36 6.78 -25.17
CA THR A 234 9.66 8.10 -25.74
C THR A 234 8.42 8.97 -25.90
N ASN A 235 7.26 8.52 -25.41
CA ASN A 235 6.03 9.28 -25.67
C ASN A 235 6.09 10.67 -25.04
N PHE A 236 6.45 10.74 -23.76
CA PHE A 236 6.50 12.04 -23.11
C PHE A 236 7.69 12.85 -23.58
N ALA A 237 8.77 12.17 -24.00
CA ALA A 237 9.91 12.88 -24.56
C ALA A 237 9.52 13.60 -25.83
N LYS A 238 8.70 12.96 -26.68
CA LYS A 238 8.14 13.62 -27.85
C LYS A 238 7.28 14.80 -27.43
N MET A 239 6.39 14.59 -26.45
CA MET A 239 5.50 15.66 -26.02
C MET A 239 6.27 16.88 -25.52
N PHE A 240 7.39 16.67 -24.82
CA PHE A 240 8.09 17.76 -24.16
C PHE A 240 9.45 18.06 -24.77
N GLU A 241 9.80 17.42 -25.88
CA GLU A 241 11.05 17.69 -26.60
C GLU A 241 12.26 17.46 -25.69
N ILE A 242 12.28 16.30 -25.04
CA ILE A 242 13.39 15.90 -24.18
C ILE A 242 14.30 15.04 -25.05
N GLU A 243 15.42 15.60 -25.49
CA GLU A 243 16.36 14.94 -26.39
C GLU A 243 17.77 15.03 -25.82
N PHE A 244 18.62 14.11 -26.26
CA PHE A 244 20.03 14.10 -25.86
C PHE A 244 20.88 13.81 -27.08
N GLU A 245 22.11 14.29 -27.04
CA GLU A 245 23.08 14.05 -28.11
C GLU A 245 24.00 12.90 -27.75
N ASP A 246 24.26 12.01 -28.72
CA ASP A 246 25.32 11.04 -28.51
C ASP A 246 26.68 11.70 -28.71
N GLU A 247 27.74 10.93 -28.54
CA GLU A 247 29.08 11.49 -28.64
C GLU A 247 29.37 12.01 -30.05
N GLU A 248 28.72 11.44 -31.06
CA GLU A 248 28.89 11.98 -32.41
C GLU A 248 27.95 13.14 -32.72
N GLY A 249 27.04 13.48 -31.81
CA GLY A 249 26.24 14.68 -31.94
C GLY A 249 24.84 14.52 -32.50
N HIS A 250 24.37 13.29 -32.70
CA HIS A 250 23.01 13.09 -33.17
C HIS A 250 22.04 13.16 -32.00
N LYS A 251 20.90 13.83 -32.21
CA LYS A 251 19.89 13.99 -31.18
C LYS A 251 18.91 12.84 -31.22
N ARG A 252 18.56 12.34 -30.04
CA ARG A 252 17.64 11.23 -29.90
C ARG A 252 16.74 11.50 -28.71
N LEU A 253 15.51 10.96 -28.76
CA LEU A 253 14.60 11.11 -27.64
C LEU A 253 15.06 10.28 -26.46
N VAL A 254 14.86 10.81 -25.24
CA VAL A 254 15.10 10.02 -24.03
C VAL A 254 13.97 9.01 -23.84
N HIS A 255 14.25 8.02 -23.00
CA HIS A 255 13.30 6.98 -22.64
C HIS A 255 13.00 7.10 -21.15
N GLN A 256 11.73 7.22 -20.80
CA GLN A 256 11.36 7.65 -19.47
C GLN A 256 10.53 6.62 -18.71
N THR A 257 10.58 6.79 -17.39
CA THR A 257 9.79 6.05 -16.44
C THR A 257 9.18 7.02 -15.42
N SER A 258 8.06 6.61 -14.86
CA SER A 258 7.45 7.27 -13.73
C SER A 258 6.77 6.21 -12.88
N TRP A 259 6.83 6.45 -11.58
CA TRP A 259 6.37 5.48 -10.64
C TRP A 259 5.88 6.13 -9.34
N GLY A 260 4.91 5.50 -8.73
CA GLY A 260 4.38 6.05 -7.54
C GLY A 260 3.77 5.09 -6.53
N CYS A 261 3.77 5.51 -5.26
CA CYS A 261 3.14 4.66 -4.25
C CYS A 261 2.71 5.57 -3.11
N THR A 262 1.59 5.22 -2.45
CA THR A 262 0.85 6.15 -1.61
C THR A 262 0.54 5.57 -0.22
N THR A 263 -0.07 6.40 0.62
CA THR A 263 -0.58 5.95 1.92
C THR A 263 -1.71 4.93 1.80
N ARG A 264 -2.22 4.67 0.58
CA ARG A 264 -3.07 3.50 0.37
C ARG A 264 -2.45 2.25 0.99
N SER A 265 -1.11 2.15 0.96
CA SER A 265 -0.44 0.95 1.47
C SER A 265 -0.82 0.70 2.92
N LEU A 266 -0.93 1.77 3.72
CA LEU A 266 -1.31 1.58 5.13
C LEU A 266 -2.69 0.97 5.25
N GLY A 267 -3.65 1.47 4.45
CA GLY A 267 -4.99 0.90 4.51
C GLY A 267 -5.00 -0.58 4.16
N VAL A 268 -4.23 -0.94 3.13
CA VAL A 268 -4.19 -2.34 2.73
C VAL A 268 -3.64 -3.17 3.86
N MET A 269 -2.57 -2.69 4.50
CA MET A 269 -2.00 -3.38 5.65
CA MET A 269 -2.02 -3.40 5.63
C MET A 269 -3.06 -3.56 6.74
N ILE A 270 -3.78 -2.48 7.05
CA ILE A 270 -4.77 -2.55 8.12
C ILE A 270 -5.80 -3.62 7.81
N MET A 271 -6.28 -3.64 6.56
CA MET A 271 -7.36 -4.56 6.23
C MET A 271 -6.85 -5.99 6.20
N THR A 272 -5.58 -6.17 5.86
CA THR A 272 -5.08 -7.52 5.68
C THR A 272 -4.92 -8.23 7.01
N HIS A 273 -4.38 -7.53 8.02
CA HIS A 273 -3.98 -8.20 9.26
C HIS A 273 -4.94 -7.98 10.41
N GLY A 274 -5.82 -6.99 10.34
CA GLY A 274 -6.70 -6.72 11.47
C GLY A 274 -7.59 -7.90 11.80
N ASP A 275 -8.10 -7.89 13.03
CA ASP A 275 -9.02 -8.93 13.48
C ASP A 275 -10.13 -8.28 14.29
N ASP A 276 -10.94 -9.12 14.95
CA ASP A 276 -12.10 -8.59 15.67
C ASP A 276 -11.71 -7.70 16.86
N LYS A 277 -10.48 -7.85 17.37
CA LYS A 277 -10.02 -6.97 18.44
C LYS A 277 -9.51 -5.63 17.92
N GLY A 278 -9.27 -5.50 16.63
CA GLY A 278 -8.76 -4.26 16.09
C GLY A 278 -7.55 -4.42 15.21
N LEU A 279 -6.65 -3.45 15.24
CA LEU A 279 -5.46 -3.49 14.40
C LEU A 279 -4.52 -4.60 14.83
N VAL A 280 -3.77 -5.11 13.86
CA VAL A 280 -2.58 -5.92 14.08
C VAL A 280 -1.51 -5.37 13.16
N ILE A 281 -0.44 -4.83 13.73
CA ILE A 281 0.60 -4.14 12.95
CA ILE A 281 0.60 -4.14 12.95
C ILE A 281 1.83 -5.05 12.84
N PRO A 282 2.32 -5.31 11.64
CA PRO A 282 3.52 -6.13 11.50
C PRO A 282 4.67 -5.53 12.26
N PRO A 283 5.43 -6.35 13.00
CA PRO A 283 6.55 -5.82 13.78
C PRO A 283 7.51 -4.95 13.00
N ARG A 284 7.75 -5.22 11.72
CA ARG A 284 8.73 -4.44 10.98
C ARG A 284 8.36 -2.98 10.80
N VAL A 285 7.08 -2.63 10.94
CA VAL A 285 6.67 -1.22 10.84
C VAL A 285 6.00 -0.70 12.10
N ALA A 286 5.81 -1.54 13.12
CA ALA A 286 5.13 -1.07 14.31
C ALA A 286 5.98 -0.04 15.04
N SER A 287 5.37 1.10 15.36
CA SER A 287 6.11 2.14 16.06
C SER A 287 6.40 1.74 17.50
N VAL A 288 5.48 1.01 18.13
CA VAL A 288 5.74 0.30 19.38
C VAL A 288 5.69 -1.19 19.07
N GLN A 289 6.83 -1.86 19.18
CA GLN A 289 6.86 -3.30 18.95
C GLN A 289 6.46 -4.06 20.21
N VAL A 290 6.92 -3.60 21.37
CA VAL A 290 6.67 -4.24 22.65
C VAL A 290 6.13 -3.18 23.58
N VAL A 291 4.95 -3.41 24.13
CA VAL A 291 4.45 -2.56 25.22
C VAL A 291 4.66 -3.33 26.52
N ILE A 292 5.31 -2.68 27.48
CA ILE A 292 5.56 -3.26 28.79
C ILE A 292 4.48 -2.76 29.73
N ILE A 293 3.76 -3.70 30.32
CA ILE A 293 2.69 -3.35 31.26
C ILE A 293 3.06 -3.90 32.62
N PRO A 294 3.43 -3.04 33.56
CA PRO A 294 3.71 -3.49 34.91
C PRO A 294 2.42 -3.74 35.66
N ILE A 295 2.41 -4.79 36.46
CA ILE A 295 1.34 -4.97 37.44
C ILE A 295 1.63 -4.05 38.61
N LEU A 296 0.61 -3.31 39.05
CA LEU A 296 0.79 -2.25 40.03
C LEU A 296 -0.22 -2.44 41.18
N PHE A 297 -0.16 -3.61 41.82
CA PHE A 297 -0.89 -3.82 43.07
C PHE A 297 -0.59 -2.71 44.06
N LYS A 298 -1.61 -2.28 44.81
CA LYS A 298 -1.37 -1.26 45.83
C LYS A 298 -0.38 -1.77 46.87
N ASP A 299 -0.42 -3.04 47.17
CA ASP A 299 0.40 -3.65 48.18
C ASP A 299 1.59 -4.34 47.60
N GLU A 300 2.40 -3.63 46.83
CA GLU A 300 3.62 -4.17 46.24
C GLU A 300 4.69 -3.09 46.23
N ASN A 301 5.93 -3.51 45.95
CA ASN A 301 7.03 -2.54 45.80
C ASN A 301 6.98 -2.02 44.37
N THR A 302 6.13 -1.00 44.17
CA THR A 302 5.90 -0.52 42.81
C THR A 302 7.17 0.05 42.21
N GLY A 303 7.99 0.71 43.03
CA GLY A 303 9.22 1.30 42.51
C GLY A 303 10.16 0.26 41.95
N GLU A 304 10.24 -0.90 42.61
CA GLU A 304 11.07 -2.01 42.15
C GLU A 304 10.55 -2.56 40.82
N ILE A 305 9.24 -2.74 40.71
CA ILE A 305 8.64 -3.24 39.46
C ILE A 305 8.89 -2.27 38.32
N LEU A 306 8.63 -0.98 38.54
CA LEU A 306 8.86 0.01 37.50
C LEU A 306 10.34 0.09 37.15
N GLY A 307 11.23 -0.05 38.15
CA GLY A 307 12.65 -0.02 37.88
C GLY A 307 13.09 -1.17 37.00
N LYS A 308 12.58 -2.37 37.29
CA LYS A 308 12.84 -3.51 36.42
C LYS A 308 12.29 -3.29 35.02
N CYS A 309 11.08 -2.70 34.89
CA CYS A 309 10.58 -2.41 33.55
C CYS A 309 11.51 -1.48 32.79
N ARG A 310 12.02 -0.44 33.46
CA ARG A 310 12.98 0.46 32.82
C ARG A 310 14.23 -0.29 32.37
N GLU A 311 14.72 -1.20 33.22
CA GLU A 311 15.91 -1.97 32.86
C GLU A 311 15.66 -2.85 31.65
N LEU A 312 14.50 -3.51 31.61
CA LEU A 312 14.14 -4.33 30.46
C LEU A 312 14.01 -3.49 29.21
N LYS A 313 13.41 -2.29 29.32
CA LYS A 313 13.32 -1.43 28.16
C LYS A 313 14.69 -1.07 27.61
N THR A 314 15.63 -0.71 28.50
CA THR A 314 16.98 -0.39 28.05
C THR A 314 17.63 -1.59 27.37
N MET A 315 17.50 -2.77 27.97
CA MET A 315 18.06 -3.99 27.40
C MET A 315 17.50 -4.27 26.01
N LEU A 316 16.17 -4.16 25.85
CA LEU A 316 15.54 -4.41 24.56
C LEU A 316 15.96 -3.36 23.52
N GLU A 317 16.12 -2.11 23.95
CA GLU A 317 16.48 -1.07 23.00
C GLU A 317 17.90 -1.22 22.50
N LYS A 318 18.78 -1.88 23.27
CA LYS A 318 20.10 -2.19 22.73
C LYS A 318 20.04 -3.15 21.54
N ALA A 319 18.95 -3.90 21.42
CA ALA A 319 18.70 -4.77 20.27
C ALA A 319 17.81 -4.11 19.23
N ASP A 320 17.64 -2.78 19.32
CA ASP A 320 16.83 -1.97 18.41
C ASP A 320 15.35 -2.36 18.42
N ILE A 321 14.90 -2.92 19.53
CA ILE A 321 13.46 -3.16 19.73
C ILE A 321 12.82 -1.87 20.23
N ARG A 322 11.66 -1.54 19.67
CA ARG A 322 10.96 -0.30 19.99
C ARG A 322 9.95 -0.59 21.10
N VAL A 323 10.15 0.05 22.24
CA VAL A 323 9.48 -0.33 23.49
C VAL A 323 8.77 0.88 24.05
N ARG A 324 7.57 0.66 24.61
CA ARG A 324 6.92 1.67 25.43
C ARG A 324 6.48 1.01 26.72
N ILE A 325 6.69 1.70 27.84
CA ILE A 325 6.17 1.25 29.14
C ILE A 325 4.88 2.03 29.41
N ASP A 326 3.78 1.31 29.65
CA ASP A 326 2.54 1.96 30.06
C ASP A 326 2.43 1.75 31.56
N ASP A 327 2.97 2.73 32.31
CA ASP A 327 3.01 2.70 33.77
C ASP A 327 1.90 3.55 34.40
N ARG A 328 0.86 3.89 33.64
CA ARG A 328 -0.22 4.71 34.17
C ARG A 328 -0.93 3.98 35.31
N SER A 329 -1.01 4.64 36.47
CA SER A 329 -1.63 4.01 37.62
C SER A 329 -3.16 4.11 37.62
N ASN A 330 -3.75 4.90 36.72
CA ASN A 330 -5.19 5.13 36.74
C ASN A 330 -5.95 4.19 35.81
N TYR A 331 -5.27 3.26 35.15
CA TYR A 331 -5.93 2.23 34.37
C TYR A 331 -5.45 0.87 34.82
N THR A 332 -6.35 -0.10 34.76
CA THR A 332 -6.02 -1.47 35.14
C THR A 332 -5.22 -2.15 34.04
N PRO A 333 -4.50 -3.23 34.39
CA PRO A 333 -3.86 -4.03 33.33
C PRO A 333 -4.84 -4.52 32.28
N GLY A 334 -6.02 -5.00 32.67
CA GLY A 334 -7.00 -5.43 31.67
C GLY A 334 -7.37 -4.33 30.68
N TRP A 335 -7.56 -3.11 31.19
CA TRP A 335 -7.82 -1.98 30.32
C TRP A 335 -6.65 -1.76 29.36
N LYS A 336 -5.42 -1.83 29.88
CA LYS A 336 -4.24 -1.61 29.05
C LYS A 336 -4.08 -2.69 27.99
N TYR A 337 -4.36 -3.94 28.37
CA TYR A 337 -4.29 -5.04 27.42
C TYR A 337 -5.18 -4.74 26.23
N ASN A 338 -6.44 -4.39 26.50
CA ASN A 338 -7.32 -4.06 25.39
C ASN A 338 -6.83 -2.85 24.61
N HIS A 339 -6.38 -1.81 25.33
CA HIS A 339 -6.00 -0.56 24.69
C HIS A 339 -4.91 -0.78 23.65
N TRP A 340 -3.88 -1.53 24.02
CA TRP A 340 -2.78 -1.73 23.08
C TRP A 340 -3.08 -2.83 22.08
N GLU A 341 -4.04 -3.72 22.36
CA GLU A 341 -4.52 -4.65 21.34
C GLU A 341 -5.24 -3.90 20.23
N VAL A 342 -6.12 -2.98 20.59
CA VAL A 342 -6.86 -2.20 19.60
C VAL A 342 -5.89 -1.44 18.71
N LYS A 343 -4.78 -0.98 19.27
CA LYS A 343 -3.78 -0.24 18.53
C LYS A 343 -2.81 -1.12 17.75
N GLY A 344 -2.88 -2.44 17.92
CA GLY A 344 -2.12 -3.34 17.06
C GLY A 344 -0.69 -3.59 17.47
N VAL A 345 -0.30 -3.26 18.70
CA VAL A 345 1.07 -3.53 19.16
C VAL A 345 1.31 -5.03 19.12
N PRO A 346 2.34 -5.51 18.41
CA PRO A 346 2.46 -6.95 18.18
C PRO A 346 2.85 -7.76 19.40
N LEU A 347 3.46 -7.17 20.43
CA LEU A 347 3.87 -7.92 21.62
C LEU A 347 3.56 -7.13 22.87
N ARG A 348 2.99 -7.80 23.87
CA ARG A 348 2.81 -7.23 25.19
C ARG A 348 3.71 -7.98 26.16
N LEU A 349 4.41 -7.24 27.02
CA LEU A 349 5.24 -7.83 28.06
C LEU A 349 4.66 -7.43 29.40
N GLU A 350 4.35 -8.42 30.24
CA GLU A 350 3.74 -8.26 31.55
C GLU A 350 4.77 -8.60 32.63
N LEU A 351 4.82 -7.76 33.66
CA LEU A 351 5.81 -7.91 34.73
C LEU A 351 5.16 -7.54 36.05
N GLY A 352 5.07 -8.51 36.95
CA GLY A 352 4.58 -8.28 38.30
C GLY A 352 5.53 -8.84 39.34
N PRO A 353 5.18 -8.72 40.63
CA PRO A 353 6.09 -9.22 41.67
C PRO A 353 6.48 -10.69 41.52
N LYS A 354 5.57 -11.55 41.07
CA LYS A 354 5.90 -12.98 40.98
C LYS A 354 6.89 -13.25 39.85
N ASP A 355 6.74 -12.51 38.75
CA ASP A 355 7.72 -12.55 37.65
C ASP A 355 9.08 -12.07 38.12
N LEU A 356 9.08 -10.91 38.79
CA LEU A 356 10.31 -10.39 39.35
C LEU A 356 11.01 -11.45 40.19
N ALA A 357 10.25 -12.15 41.02
CA ALA A 357 10.83 -13.17 41.88
C ALA A 357 11.41 -14.32 41.05
N LYS A 358 10.76 -14.66 39.93
CA LYS A 358 11.26 -15.75 39.08
C LYS A 358 12.36 -15.32 38.09
N GLY A 359 12.60 -14.02 37.91
CA GLY A 359 13.54 -13.59 36.89
C GLY A 359 13.05 -13.76 35.47
N THR A 360 11.74 -13.68 35.26
CA THR A 360 11.14 -13.90 33.95
C THR A 360 10.14 -12.79 33.64
N ALA A 361 9.63 -12.82 32.42
CA ALA A 361 8.55 -11.93 32.00
C ALA A 361 7.54 -12.73 31.19
N ARG A 362 6.30 -12.26 31.19
CA ARG A 362 5.24 -12.92 30.43
C ARG A 362 4.98 -12.12 29.16
N VAL A 363 5.07 -12.78 28.00
CA VAL A 363 4.95 -12.09 26.72
C VAL A 363 3.79 -12.69 25.95
N VAL A 364 2.91 -11.84 25.44
CA VAL A 364 1.73 -12.27 24.70
C VAL A 364 1.78 -11.68 23.29
N ARG A 365 1.66 -12.55 22.28
CA ARG A 365 1.70 -12.08 20.91
C ARG A 365 0.30 -11.72 20.42
N ARG A 366 0.22 -10.61 19.69
CA ARG A 366 -1.06 -10.00 19.34
C ARG A 366 -1.81 -10.81 18.28
N ASP A 367 -1.09 -11.46 17.38
CA ASP A 367 -1.76 -12.13 16.26
C ASP A 367 -2.51 -13.37 16.70
N THR A 368 -1.93 -14.17 17.60
CA THR A 368 -2.57 -15.42 18.01
C THR A 368 -2.99 -15.46 19.47
N GLY A 369 -2.48 -14.55 20.30
CA GLY A 369 -2.74 -14.60 21.72
C GLY A 369 -1.88 -15.57 22.50
N GLU A 370 -0.96 -16.28 21.85
CA GLU A 370 -0.11 -17.21 22.55
C GLU A 370 0.77 -16.47 23.54
N ALA A 371 0.94 -17.07 24.72
CA ALA A 371 1.76 -16.49 25.78
C ALA A 371 3.02 -17.32 25.98
N TYR A 372 4.07 -16.64 26.44
CA TYR A 372 5.38 -17.22 26.64
C TYR A 372 5.92 -16.70 27.97
N GLN A 373 6.62 -17.56 28.70
CA GLN A 373 7.40 -17.13 29.85
C GLN A 373 8.88 -17.14 29.45
N ILE A 374 9.54 -16.00 29.57
CA ILE A 374 10.87 -15.83 29.02
C ILE A 374 11.79 -15.25 30.07
N SER A 375 12.97 -15.86 30.25
CA SER A 375 13.93 -15.33 31.19
CA SER A 375 13.94 -15.33 31.19
C SER A 375 14.48 -13.99 30.70
N TRP A 376 14.84 -13.13 31.65
CA TRP A 376 15.35 -11.81 31.25
C TRP A 376 16.57 -11.93 30.35
N ALA A 377 17.46 -12.89 30.65
CA ALA A 377 18.66 -13.05 29.84
C ALA A 377 18.33 -13.47 28.40
N ASP A 378 17.26 -14.22 28.22
CA ASP A 378 16.81 -14.66 26.90
C ASP A 378 15.91 -13.65 26.20
N LEU A 379 15.56 -12.55 26.86
CA LEU A 379 14.44 -11.74 26.38
C LEU A 379 14.74 -11.12 25.02
N ALA A 380 15.89 -10.47 24.85
CA ALA A 380 16.16 -9.79 23.59
C ALA A 380 16.21 -10.76 22.41
N PRO A 381 16.99 -11.85 22.44
CA PRO A 381 17.00 -12.73 21.26
C PRO A 381 15.68 -13.45 21.04
N LYS A 382 14.99 -13.83 22.12
CA LYS A 382 13.71 -14.49 21.95
C LYS A 382 12.68 -13.54 21.36
N LEU A 383 12.68 -12.28 21.76
CA LEU A 383 11.69 -11.35 21.22
C LEU A 383 12.02 -11.02 19.76
N LEU A 384 13.30 -10.91 19.40
CA LEU A 384 13.62 -10.76 17.99
C LEU A 384 13.12 -11.94 17.18
N GLU A 385 13.33 -13.15 17.70
CA GLU A 385 12.85 -14.35 17.00
C GLU A 385 11.33 -14.36 16.89
N LEU A 386 10.65 -14.02 17.98
CA LEU A 386 9.20 -13.97 17.99
C LEU A 386 8.66 -12.93 17.01
N MET A 387 9.32 -11.77 16.90
CA MET A 387 8.81 -10.75 16.00
C MET A 387 8.98 -11.18 14.55
N GLU A 388 10.11 -11.82 14.23
CA GLU A 388 10.24 -12.35 12.88
C GLU A 388 9.21 -13.46 12.61
N GLY A 389 8.88 -14.25 13.64
CA GLY A 389 7.83 -15.26 13.50
C GLY A 389 6.47 -14.65 13.25
N ILE A 390 6.12 -13.60 14.00
CA ILE A 390 4.85 -12.90 13.79
C ILE A 390 4.79 -12.31 12.38
N GLN A 391 5.88 -11.65 11.95
CA GLN A 391 5.91 -11.03 10.62
C GLN A 391 5.69 -12.07 9.53
N ARG A 392 6.42 -13.17 9.61
CA ARG A 392 6.28 -14.21 8.59
C ARG A 392 4.91 -14.87 8.66
N SER A 393 4.37 -15.06 9.86
CA SER A 393 3.05 -15.68 9.99
CA SER A 393 3.05 -15.69 9.98
C SER A 393 1.97 -14.82 9.39
N LEU A 394 2.01 -13.50 9.67
CA LEU A 394 1.05 -12.56 9.07
C LEU A 394 1.12 -12.64 7.55
N PHE A 395 2.33 -12.66 7.01
CA PHE A 395 2.46 -12.72 5.56
C PHE A 395 1.94 -14.04 5.01
N GLU A 396 2.34 -15.17 5.60
CA GLU A 396 1.96 -16.47 5.05
C GLU A 396 0.46 -16.69 5.11
N LYS A 397 -0.19 -16.26 6.20
CA LYS A 397 -1.64 -16.37 6.29
C LYS A 397 -2.33 -15.49 5.26
N ALA A 398 -1.83 -14.25 5.07
CA ALA A 398 -2.41 -13.38 4.04
C ALA A 398 -2.21 -13.96 2.65
N LYS A 399 -1.05 -14.58 2.41
CA LYS A 399 -0.77 -15.18 1.11
C LYS A 399 -1.69 -16.36 0.84
N ALA A 400 -1.98 -17.16 1.88
CA ALA A 400 -2.93 -18.25 1.70
C ALA A 400 -4.32 -17.71 1.39
N ARG A 401 -4.72 -16.59 2.01
CA ARG A 401 -6.03 -16.03 1.70
C ARG A 401 -6.08 -15.48 0.27
N LEU A 402 -4.97 -14.88 -0.18
CA LEU A 402 -4.89 -14.43 -1.56
C LEU A 402 -5.05 -15.60 -2.52
N HIS A 403 -4.32 -16.69 -2.26
CA HIS A 403 -4.42 -17.91 -3.09
C HIS A 403 -5.85 -18.45 -3.11
N GLU A 404 -6.48 -18.57 -1.94
CA GLU A 404 -7.84 -19.07 -1.88
C GLU A 404 -8.84 -18.13 -2.54
N GLY A 405 -8.47 -16.87 -2.74
CA GLY A 405 -9.36 -15.90 -3.33
C GLY A 405 -9.36 -15.80 -4.85
N ILE A 406 -8.58 -16.61 -5.54
CA ILE A 406 -8.45 -16.53 -7.00
C ILE A 406 -8.91 -17.83 -7.61
N GLU A 407 -9.91 -17.76 -8.48
CA GLU A 407 -10.44 -18.91 -9.20
C GLU A 407 -9.95 -18.87 -10.64
N LYS A 408 -9.33 -19.97 -11.07
CA LYS A 408 -8.94 -20.12 -12.47
C LYS A 408 -10.16 -20.62 -13.25
N ILE A 409 -10.56 -19.88 -14.29
CA ILE A 409 -11.77 -20.17 -15.04
C ILE A 409 -11.45 -20.27 -16.53
N SER A 410 -12.44 -20.74 -17.30
CA SER A 410 -12.32 -20.93 -18.74
C SER A 410 -13.32 -20.12 -19.57
N THR A 411 -14.52 -19.85 -19.07
CA THR A 411 -15.54 -19.16 -19.86
C THR A 411 -16.23 -18.12 -19.01
N PHE A 412 -16.89 -17.18 -19.70
CA PHE A 412 -17.51 -16.06 -19.00
C PHE A 412 -18.67 -16.52 -18.13
N ASP A 413 -19.27 -17.67 -18.46
CA ASP A 413 -20.36 -18.20 -17.65
C ASP A 413 -19.92 -18.44 -16.20
N GLU A 414 -18.62 -18.65 -15.97
CA GLU A 414 -18.15 -18.89 -14.61
C GLU A 414 -17.88 -17.61 -13.84
N VAL A 415 -17.92 -16.44 -14.48
CA VAL A 415 -17.53 -15.19 -13.83
C VAL A 415 -18.45 -14.88 -12.65
N MET A 416 -19.75 -14.76 -12.91
CA MET A 416 -20.63 -14.25 -11.86
C MET A 416 -20.68 -15.15 -10.63
N PRO A 417 -20.71 -16.49 -10.75
CA PRO A 417 -20.57 -17.30 -9.52
C PRO A 417 -19.31 -16.99 -8.74
N ALA A 418 -18.17 -16.87 -9.43
CA ALA A 418 -16.92 -16.59 -8.73
C ALA A 418 -16.96 -15.22 -8.05
N LEU A 419 -17.52 -14.22 -8.73
CA LEU A 419 -17.63 -12.91 -8.11
C LEU A 419 -18.54 -12.96 -6.91
N ASN A 420 -19.57 -13.83 -6.94
CA ASN A 420 -20.50 -13.92 -5.82
C ASN A 420 -19.83 -14.56 -4.61
N ARG A 421 -18.82 -15.39 -4.84
CA ARG A 421 -17.98 -15.90 -3.78
C ARG A 421 -16.93 -14.91 -3.32
N LYS A 422 -17.01 -13.65 -3.78
CA LYS A 422 -16.05 -12.60 -3.49
C LYS A 422 -14.63 -13.01 -3.87
N HIS A 423 -14.50 -13.59 -5.06
CA HIS A 423 -13.22 -14.03 -5.58
C HIS A 423 -12.82 -13.24 -6.82
N LEU A 424 -11.53 -13.27 -7.08
CA LEU A 424 -10.95 -12.86 -8.35
C LEU A 424 -10.96 -14.04 -9.31
N VAL A 425 -10.84 -13.75 -10.60
CA VAL A 425 -10.77 -14.81 -11.60
C VAL A 425 -9.52 -14.64 -12.44
N LEU A 426 -8.86 -15.75 -12.73
CA LEU A 426 -7.73 -15.79 -13.63
C LEU A 426 -8.21 -16.49 -14.88
N ALA A 427 -8.22 -15.79 -16.01
CA ALA A 427 -8.88 -16.31 -17.20
C ALA A 427 -8.03 -16.07 -18.44
N PRO A 428 -8.08 -16.99 -19.40
CA PRO A 428 -7.41 -16.73 -20.69
C PRO A 428 -8.11 -15.59 -21.41
N TRP A 429 -7.32 -14.67 -21.95
CA TRP A 429 -7.88 -13.45 -22.53
C TRP A 429 -7.16 -13.10 -23.82
N CYS A 430 -7.95 -12.70 -24.82
CA CYS A 430 -7.47 -12.23 -26.12
C CYS A 430 -6.88 -10.82 -26.06
N GLU A 431 -7.12 -10.08 -24.97
CA GLU A 431 -6.57 -8.75 -24.68
C GLU A 431 -7.12 -7.63 -25.57
N ASP A 432 -8.22 -7.87 -26.28
CA ASP A 432 -8.91 -6.83 -27.05
C ASP A 432 -9.45 -5.76 -26.10
N PRO A 433 -9.12 -4.47 -26.30
CA PRO A 433 -9.58 -3.45 -25.33
C PRO A 433 -11.09 -3.27 -25.30
N GLU A 434 -11.74 -3.40 -26.47
CA GLU A 434 -13.20 -3.34 -26.53
C GLU A 434 -13.81 -4.42 -25.66
N SER A 435 -13.22 -5.61 -25.63
CA SER A 435 -13.77 -6.69 -24.83
C SER A 435 -13.68 -6.35 -23.34
N GLU A 436 -12.63 -5.66 -22.90
CA GLU A 436 -12.60 -5.25 -21.49
C GLU A 436 -13.74 -4.27 -21.18
N GLU A 437 -13.98 -3.30 -22.07
CA GLU A 437 -15.10 -2.40 -21.84
C GLU A 437 -16.43 -3.16 -21.78
N GLN A 438 -16.61 -4.12 -22.69
CA GLN A 438 -17.87 -4.86 -22.71
C GLN A 438 -18.03 -5.73 -21.46
N ILE A 439 -16.95 -6.35 -21.00
CA ILE A 439 -16.99 -7.15 -19.78
C ILE A 439 -17.35 -6.29 -18.58
N LYS A 440 -16.75 -5.10 -18.50
CA LYS A 440 -17.07 -4.18 -17.41
C LYS A 440 -18.56 -3.85 -17.40
N LYS A 441 -19.10 -3.49 -18.57
CA LYS A 441 -20.51 -3.10 -18.64
C LYS A 441 -21.44 -4.28 -18.33
N GLU A 442 -21.13 -5.46 -18.87
CA GLU A 442 -22.00 -6.61 -18.66
C GLU A 442 -22.00 -7.05 -17.20
N THR A 443 -20.81 -7.15 -16.60
CA THR A 443 -20.77 -7.56 -15.19
C THR A 443 -21.42 -6.52 -14.29
N GLN A 444 -21.30 -5.23 -14.62
CA GLN A 444 -22.03 -4.25 -13.82
C GLN A 444 -23.54 -4.47 -13.90
N LYS A 445 -24.06 -4.70 -15.12
CA LYS A 445 -25.50 -4.90 -15.26
C LYS A 445 -25.97 -6.13 -14.48
N LEU A 446 -25.25 -7.25 -14.63
CA LEU A 446 -25.64 -8.47 -13.92
C LEU A 446 -25.59 -8.25 -12.41
N SER A 447 -24.58 -7.52 -11.93
CA SER A 447 -24.49 -7.20 -10.50
C SER A 447 -25.70 -6.41 -10.03
N GLU A 448 -26.15 -5.44 -10.84
CA GLU A 448 -27.30 -4.64 -10.43
C GLU A 448 -28.55 -5.50 -10.28
N ILE A 449 -28.77 -6.41 -11.23
CA ILE A 449 -29.94 -7.30 -11.13
C ILE A 449 -29.86 -8.14 -9.87
N GLN A 450 -28.69 -8.76 -9.63
CA GLN A 450 -28.53 -9.54 -8.42
C GLN A 450 -28.79 -8.70 -7.17
N ALA A 451 -28.39 -7.44 -7.20
CA ALA A 451 -28.65 -6.57 -6.06
C ALA A 451 -30.14 -6.42 -5.81
N ILE A 452 -30.92 -6.29 -6.89
CA ILE A 452 -32.36 -6.12 -6.69
C ILE A 452 -32.98 -7.39 -6.13
N GLU A 453 -32.41 -8.56 -6.46
CA GLU A 453 -32.89 -9.76 -5.77
C GLU A 453 -32.41 -9.85 -4.31
N ALA A 454 -31.50 -8.97 -3.88
CA ALA A 454 -30.92 -9.04 -2.54
C ALA A 454 -31.69 -8.24 -1.49
N GLY A 455 -32.60 -7.36 -1.90
CA GLY A 455 -33.28 -6.48 -0.97
C GLY A 455 -32.45 -5.28 -0.56
N MET A 461 -20.27 0.97 -3.91
CA MET A 461 -19.21 0.79 -4.91
C MET A 461 -19.72 0.00 -6.11
N THR A 462 -19.06 0.20 -7.24
CA THR A 462 -19.49 -0.42 -8.49
C THR A 462 -19.45 -1.93 -8.40
N GLY A 463 -20.34 -2.58 -9.15
CA GLY A 463 -20.29 -4.01 -9.33
C GLY A 463 -19.48 -4.48 -10.53
N ALA A 464 -18.86 -3.57 -11.28
CA ALA A 464 -18.18 -3.94 -12.51
C ALA A 464 -16.91 -4.74 -12.22
N MET A 465 -16.66 -5.75 -13.06
CA MET A 465 -15.41 -6.49 -13.02
C MET A 465 -14.48 -5.93 -14.10
N LYS A 466 -13.27 -5.57 -13.72
CA LYS A 466 -12.29 -5.09 -14.68
C LYS A 466 -11.03 -5.92 -14.58
N THR A 467 -10.10 -5.70 -15.50
CA THR A 467 -8.79 -6.32 -15.34
C THR A 467 -8.08 -5.71 -14.15
N LEU A 468 -7.36 -6.54 -13.41
CA LEU A 468 -6.44 -6.06 -12.40
C LEU A 468 -5.04 -6.02 -12.95
N CYS A 469 -4.60 -7.14 -13.54
CA CYS A 469 -3.33 -7.08 -14.25
C CYS A 469 -3.20 -8.36 -15.05
N ILE A 470 -2.25 -8.35 -15.98
CA ILE A 470 -1.79 -9.56 -16.66
C ILE A 470 -0.54 -10.03 -15.91
N PRO A 471 -0.63 -11.08 -15.08
CA PRO A 471 0.49 -11.38 -14.17
C PRO A 471 1.76 -11.76 -14.92
N PHE A 472 2.90 -11.35 -14.36
CA PHE A 472 4.20 -11.79 -14.87
C PHE A 472 4.31 -13.31 -14.80
N ASP A 473 3.80 -13.90 -13.73
CA ASP A 473 3.85 -15.35 -13.55
C ASP A 473 2.64 -15.95 -14.26
N GLN A 474 2.88 -16.51 -15.44
CA GLN A 474 1.82 -17.00 -16.31
C GLN A 474 1.71 -18.52 -16.24
N PRO A 475 0.52 -19.06 -15.97
CA PRO A 475 0.30 -20.51 -16.13
C PRO A 475 0.55 -20.94 -17.56
N PRO A 476 0.70 -22.24 -17.81
CA PRO A 476 0.80 -22.71 -19.19
C PRO A 476 -0.47 -22.39 -19.96
N MET A 477 -0.29 -22.01 -21.22
CA MET A 477 -1.41 -21.71 -22.11
C MET A 477 -1.52 -22.80 -23.17
N PRO A 478 -2.44 -23.77 -23.02
CA PRO A 478 -2.60 -24.81 -24.05
C PRO A 478 -2.75 -24.27 -25.45
N GLU A 479 -2.49 -25.11 -26.46
CA GLU A 479 -2.32 -24.64 -27.83
C GLU A 479 -3.56 -23.92 -28.35
N GLY A 480 -4.73 -24.53 -28.23
CA GLY A 480 -5.91 -23.93 -28.81
C GLY A 480 -6.82 -23.23 -27.82
N THR A 481 -6.25 -22.67 -26.76
CA THR A 481 -7.07 -22.09 -25.71
C THR A 481 -7.77 -20.84 -26.21
N LYS A 482 -9.09 -20.77 -26.01
CA LYS A 482 -9.87 -19.64 -26.47
C LYS A 482 -10.05 -18.61 -25.35
N CYS A 483 -10.22 -17.35 -25.77
CA CYS A 483 -10.56 -16.27 -24.84
C CYS A 483 -11.87 -16.55 -24.13
N PHE A 484 -11.90 -16.30 -22.81
CA PHE A 484 -13.09 -16.66 -22.02
C PHE A 484 -14.32 -15.83 -22.38
N TYR A 485 -14.16 -14.70 -23.03
CA TYR A 485 -15.28 -13.83 -23.37
C TYR A 485 -15.60 -13.79 -24.85
N THR A 486 -14.59 -13.71 -25.71
CA THR A 486 -14.79 -13.55 -27.15
C THR A 486 -14.70 -14.86 -27.92
N GLY A 487 -14.12 -15.91 -27.34
CA GLY A 487 -13.89 -17.15 -28.06
C GLY A 487 -12.78 -17.11 -29.09
N LYS A 488 -12.19 -15.93 -29.32
CA LYS A 488 -11.02 -15.78 -30.17
C LYS A 488 -9.81 -16.39 -29.47
N PRO A 489 -8.70 -16.61 -30.19
CA PRO A 489 -7.52 -17.20 -29.54
C PRO A 489 -7.10 -16.38 -28.33
N ALA A 490 -7.01 -17.05 -27.18
CA ALA A 490 -6.52 -16.38 -25.98
C ALA A 490 -5.05 -16.07 -26.12
N LYS A 491 -4.64 -14.92 -25.59
CA LYS A 491 -3.24 -14.57 -25.63
C LYS A 491 -2.55 -14.79 -24.30
N ARG A 492 -3.08 -14.23 -23.21
CA ARG A 492 -2.42 -14.42 -21.92
C ARG A 492 -3.46 -14.63 -20.83
N TRP A 493 -3.00 -15.21 -19.72
CA TRP A 493 -3.85 -15.31 -18.53
C TRP A 493 -3.91 -13.94 -17.87
N THR A 494 -5.13 -13.50 -17.54
CA THR A 494 -5.36 -12.17 -17.00
C THR A 494 -6.18 -12.29 -15.73
N LEU A 495 -5.82 -11.49 -14.73
CA LEU A 495 -6.48 -11.45 -13.44
C LEU A 495 -7.51 -10.33 -13.45
N TRP A 496 -8.76 -10.70 -13.10
CA TRP A 496 -9.92 -9.82 -13.10
C TRP A 496 -10.59 -9.86 -11.74
N GLY A 497 -11.26 -8.78 -11.40
CA GLY A 497 -12.17 -8.81 -10.25
C GLY A 497 -12.87 -7.48 -10.11
N ARG A 498 -13.82 -7.43 -9.18
CA ARG A 498 -14.24 -6.13 -8.69
C ARG A 498 -13.04 -5.42 -8.08
N SER A 499 -13.12 -4.09 -8.03
CA SER A 499 -11.90 -3.33 -7.78
C SER A 499 -12.20 -2.05 -7.04
N TYR A 500 -11.17 -1.52 -6.38
CA TYR A 500 -11.15 -0.13 -5.94
C TYR A 500 -10.72 0.75 -7.10
#